data_1QC8
#
_entry.id   1QC8
#
_cell.length_a   1.000
_cell.length_b   1.000
_cell.length_c   1.000
_cell.angle_alpha   90.00
_cell.angle_beta   90.00
_cell.angle_gamma   90.00
#
_symmetry.space_group_name_H-M   'P 1'
#
_entity_poly.entity_id   1
_entity_poly.type   'polyribonucleotide'
_entity_poly.pdbx_seq_one_letter_code
;GGCAGUGUGAGUACCUUCACACGUC
;
_entity_poly.pdbx_strand_id   A
#